data_5XKY
#
_entry.id   5XKY
#
_cell.length_a   61.221
_cell.length_b   72.375
_cell.length_c   88.341
_cell.angle_alpha   90.00
_cell.angle_beta   90.00
_cell.angle_gamma   90.00
#
_symmetry.space_group_name_H-M   'P 21 21 21'
#
loop_
_entity.id
_entity.type
_entity.pdbx_description
1 polymer 'Uncharacterized protein'
2 non-polymer 'ZINC ION'
3 water water
#
_entity_poly.entity_id   1
_entity_poly.type   'polypeptide(L)'
_entity_poly.pdbx_seq_one_letter_code
;(MSE)HKRFLGTIFGATLTCFQAQAAQFQCQDDVKPTSYTTEEQKLVDQFWNESLIYLDQYLKALETPTGQCKDSAQATI
QTYNSETGK(MSE)QTQCI(MSE)KYRDVELVAKHLKAVLAEPDKAKACFDPQKNYKAFPLYTPSAHVQNLSATSKWINR
PLLTDYYKKIGGEIGAAGLELNENFLEITSRTDTTLHWTKDVSIKGLPTLWSSVGWIPFYAENPNAGSDRFRGGYLYAEV
(MSE)GPWGNLRIKEIDGEKVGAEIG(MSE)TAQLFNTSYPYHYHHPQEIY(MSE)TLTKPQCIDQNKH(MSE)V(MSE)
HWDNNQFKQKRSDNGWTVNIDGSKGKWKKWFSNQDPEQNWLTYFERNAIHAFHTLEGCNQTIKNSGLVTVWARTTAQDNN
QTTQLCRP(MSE)TGAKDIKT(MSE)KPEDKAICDLDDWKPHHHHHH
;
_entity_poly.pdbx_strand_id   A
#
# COMPACT_ATOMS: atom_id res chain seq x y z
N ALA A 22 10.76 25.54 -9.28
CA ALA A 22 9.53 24.96 -9.79
C ALA A 22 8.31 25.66 -9.20
N GLN A 23 7.19 25.54 -9.89
CA GLN A 23 5.92 26.11 -9.46
C GLN A 23 5.02 24.96 -9.01
N PHE A 24 4.54 25.04 -7.77
CA PHE A 24 3.67 24.01 -7.18
C PHE A 24 2.22 24.50 -7.15
N GLN A 25 1.31 23.67 -7.67
CA GLN A 25 -0.12 23.91 -7.52
C GLN A 25 -0.70 22.84 -6.60
N CYS A 26 -1.32 23.28 -5.51
CA CYS A 26 -1.89 22.32 -4.57
C CYS A 26 -3.23 21.80 -5.09
N GLN A 27 -3.65 20.65 -4.57
CA GLN A 27 -4.99 20.13 -4.84
C GLN A 27 -6.03 21.11 -4.31
N ASP A 28 -7.25 20.96 -4.84
CA ASP A 28 -8.33 21.92 -4.56
C ASP A 28 -8.69 21.96 -3.09
N ASP A 29 -8.65 20.83 -2.39
CA ASP A 29 -9.10 20.77 -1.01
C ASP A 29 -8.01 21.18 -0.03
N VAL A 30 -6.92 21.77 -0.49
CA VAL A 30 -5.89 22.30 0.38
C VAL A 30 -6.27 23.74 0.70
N LYS A 31 -6.66 23.99 1.95
CA LYS A 31 -7.08 25.31 2.38
C LYS A 31 -6.00 25.89 3.28
N PRO A 32 -5.32 26.96 2.87
CA PRO A 32 -4.33 27.58 3.76
C PRO A 32 -4.91 27.84 5.14
N THR A 33 -4.08 27.64 6.16
CA THR A 33 -4.53 27.73 7.54
C THR A 33 -3.42 28.34 8.40
N SER A 34 -3.83 28.84 9.57
CA SER A 34 -2.92 29.51 10.50
C SER A 34 -2.75 28.65 11.75
N TYR A 35 -1.50 28.43 12.13
CA TYR A 35 -1.19 27.64 13.32
C TYR A 35 -0.60 28.55 14.39
N THR A 36 -0.97 28.29 15.64
CA THR A 36 -0.28 28.90 16.75
C THR A 36 1.19 28.48 16.73
N THR A 37 1.99 29.11 17.60
CA THR A 37 3.41 28.80 17.67
C THR A 37 3.64 27.33 17.98
N GLU A 38 3.02 26.83 19.05
CA GLU A 38 3.22 25.44 19.45
C GLU A 38 2.56 24.49 18.46
N GLU A 39 1.44 24.89 17.84
CA GLU A 39 0.87 24.05 16.80
C GLU A 39 1.83 23.87 15.63
N GLN A 40 2.52 24.96 15.26
CA GLN A 40 3.39 24.91 14.09
C GLN A 40 4.54 23.93 14.31
N LYS A 41 4.96 23.74 15.56
CA LYS A 41 6.01 22.76 15.84
C LYS A 41 5.50 21.35 15.62
N LEU A 42 4.24 21.07 15.94
CA LEU A 42 3.70 19.73 15.71
C LEU A 42 3.55 19.47 14.21
N VAL A 43 3.20 20.49 13.45
CA VAL A 43 3.13 20.34 12.00
C VAL A 43 4.52 20.17 11.41
N ASP A 44 5.53 20.87 11.95
CA ASP A 44 6.87 20.78 11.37
C ASP A 44 7.52 19.41 11.59
N GLN A 45 7.26 18.77 12.73
CA GLN A 45 7.84 17.44 12.92
C GLN A 45 7.21 16.43 11.97
N PHE A 46 5.89 16.52 11.78
CA PHE A 46 5.18 15.75 10.77
C PHE A 46 5.79 15.97 9.39
N TRP A 47 5.99 17.24 9.02
CA TRP A 47 6.55 17.56 7.72
C TRP A 47 7.97 17.03 7.56
N ASN A 48 8.80 17.14 8.58
CA ASN A 48 10.20 16.72 8.43
C ASN A 48 10.30 15.21 8.23
N GLU A 49 9.49 14.44 8.96
CA GLU A 49 9.55 12.99 8.76
C GLU A 49 8.90 12.58 7.45
N SER A 50 7.91 13.35 6.96
CA SER A 50 7.39 13.12 5.61
C SER A 50 8.49 13.31 4.57
N LEU A 51 9.27 14.38 4.69
CA LEU A 51 10.39 14.61 3.78
C LEU A 51 11.40 13.47 3.84
N ILE A 52 11.69 12.95 5.03
CA ILE A 52 12.63 11.83 5.14
C ILE A 52 12.08 10.62 4.40
N TYR A 53 10.81 10.30 4.66
CA TYR A 53 10.14 9.19 3.98
C TYR A 53 10.23 9.34 2.47
N LEU A 54 9.90 10.53 1.96
CA LEU A 54 9.92 10.73 0.52
C LEU A 54 11.35 10.62 -0.02
N ASP A 55 12.32 11.20 0.69
CA ASP A 55 13.71 11.12 0.25
C ASP A 55 14.19 9.67 0.22
N GLN A 56 13.82 8.89 1.24
CA GLN A 56 14.17 7.48 1.25
C GLN A 56 13.44 6.72 0.15
N TYR A 57 12.18 7.09 -0.10
CA TYR A 57 11.47 6.49 -1.23
C TYR A 57 12.25 6.73 -2.53
N LEU A 58 12.70 7.96 -2.75
CA LEU A 58 13.42 8.28 -3.97
C LEU A 58 14.70 7.44 -4.09
N LYS A 59 15.47 7.34 -3.00
CA LYS A 59 16.69 6.52 -3.04
C LYS A 59 16.39 5.06 -3.31
N ALA A 60 15.24 4.56 -2.83
CA ALA A 60 14.90 3.16 -3.03
C ALA A 60 14.56 2.88 -4.50
N LEU A 61 13.96 3.85 -5.19
CA LEU A 61 13.75 3.74 -6.64
C LEU A 61 15.07 3.76 -7.41
N GLU A 62 15.98 4.68 -7.06
CA GLU A 62 17.13 4.99 -7.89
C GLU A 62 18.38 4.19 -7.56
N THR A 63 18.49 3.60 -6.38
CA THR A 63 19.73 2.91 -6.03
C THR A 63 19.75 1.54 -6.70
N PRO A 64 20.76 1.23 -7.52
CA PRO A 64 20.75 -0.04 -8.25
C PRO A 64 20.81 -1.22 -7.29
N THR A 65 20.07 -2.28 -7.64
CA THR A 65 20.10 -3.55 -6.93
C THR A 65 20.09 -4.68 -7.95
N GLY A 66 20.40 -5.89 -7.47
CA GLY A 66 20.41 -7.06 -8.34
C GLY A 66 21.33 -6.88 -9.52
N GLN A 67 20.84 -7.23 -10.71
CA GLN A 67 21.62 -7.07 -11.93
C GLN A 67 21.22 -5.83 -12.71
N CYS A 68 20.57 -4.86 -12.05
CA CYS A 68 20.22 -3.58 -12.66
C CYS A 68 21.29 -2.54 -12.33
N LYS A 69 21.68 -1.76 -13.32
CA LYS A 69 22.79 -0.85 -13.12
C LYS A 69 22.37 0.55 -12.73
N ASP A 70 21.18 1.00 -13.14
CA ASP A 70 20.80 2.39 -12.93
C ASP A 70 19.61 2.58 -12.00
N SER A 71 18.99 1.51 -11.52
CA SER A 71 17.88 1.64 -10.59
C SER A 71 17.58 0.27 -9.99
N ALA A 72 16.62 0.25 -9.07
CA ALA A 72 16.32 -0.98 -8.34
C ALA A 72 15.66 -2.03 -9.24
N GLN A 73 15.99 -3.29 -8.98
CA GLN A 73 15.45 -4.41 -9.73
C GLN A 73 14.12 -4.84 -9.09
N ALA A 74 13.04 -4.71 -9.85
CA ALA A 74 11.69 -4.99 -9.34
C ALA A 74 11.13 -6.27 -9.96
N THR A 75 10.43 -7.05 -9.15
CA THR A 75 9.69 -8.17 -9.69
C THR A 75 8.47 -7.61 -10.42
N ILE A 76 8.22 -8.08 -11.65
CA ILE A 76 7.04 -7.64 -12.36
C ILE A 76 6.08 -8.77 -12.70
N GLN A 77 6.56 -10.03 -12.71
CA GLN A 77 5.70 -11.22 -12.71
C GLN A 77 6.34 -12.25 -11.80
N THR A 78 5.52 -12.82 -10.91
CA THR A 78 6.01 -13.87 -10.04
C THR A 78 6.13 -15.20 -10.76
N TYR A 79 5.44 -15.37 -11.88
CA TYR A 79 5.57 -16.58 -12.69
C TYR A 79 5.35 -16.21 -14.15
N ASN A 80 6.42 -16.22 -14.94
CA ASN A 80 6.30 -16.00 -16.37
C ASN A 80 5.91 -17.31 -17.04
N SER A 81 4.78 -17.32 -17.75
CA SER A 81 4.24 -18.58 -18.25
C SER A 81 5.16 -19.26 -19.26
N GLU A 82 6.05 -18.50 -19.91
CA GLU A 82 6.97 -19.03 -20.92
C GLU A 82 8.25 -19.61 -20.31
N THR A 83 8.84 -18.92 -19.33
CA THR A 83 10.07 -19.39 -18.70
C THR A 83 9.85 -20.25 -17.46
N GLY A 84 8.63 -20.25 -16.92
CA GLY A 84 8.38 -20.91 -15.65
C GLY A 84 9.12 -20.31 -14.47
N LYS A 85 9.67 -19.11 -14.62
CA LYS A 85 10.44 -18.45 -13.58
C LYS A 85 9.89 -17.05 -13.34
N GLN A 87 9.92 -12.97 -13.24
CA GLN A 87 10.31 -12.01 -14.26
C GLN A 87 10.51 -10.63 -13.65
N THR A 88 11.51 -9.93 -14.16
CA THR A 88 12.17 -8.82 -13.48
C THR A 88 12.36 -7.65 -14.44
N GLN A 89 12.46 -6.45 -13.88
CA GLN A 89 12.74 -5.26 -14.67
C GLN A 89 13.30 -4.18 -13.76
N CYS A 90 14.25 -3.41 -14.29
CA CYS A 90 14.74 -2.23 -13.58
C CYS A 90 13.65 -1.17 -13.52
N ILE A 91 13.34 -0.69 -12.31
CA ILE A 91 12.06 -0.02 -12.13
C ILE A 91 12.04 1.34 -12.82
N LYS A 93 12.90 2.11 -15.64
CA LYS A 93 12.58 2.01 -17.06
C LYS A 93 11.11 2.31 -17.35
N TYR A 94 10.25 2.30 -16.34
CA TYR A 94 8.86 2.67 -16.54
C TYR A 94 8.75 4.19 -16.49
N ARG A 95 8.17 4.77 -17.55
CA ARG A 95 8.12 6.22 -17.65
C ARG A 95 7.38 6.83 -16.47
N ASP A 96 6.33 6.18 -16.00
CA ASP A 96 5.57 6.67 -14.84
C ASP A 96 6.43 6.69 -13.57
N VAL A 97 7.30 5.69 -13.39
CA VAL A 97 8.19 5.70 -12.24
C VAL A 97 9.19 6.85 -12.33
N GLU A 98 9.80 7.05 -13.51
CA GLU A 98 10.68 8.20 -13.73
C GLU A 98 10.01 9.51 -13.37
N LEU A 99 8.74 9.66 -13.70
CA LEU A 99 8.06 10.93 -13.40
C LEU A 99 7.85 11.09 -11.90
N VAL A 100 7.51 10.00 -11.20
CA VAL A 100 7.46 10.04 -9.73
C VAL A 100 8.80 10.51 -9.19
N ALA A 101 9.90 9.94 -9.70
CA ALA A 101 11.21 10.33 -9.19
C ALA A 101 11.49 11.80 -9.46
N LYS A 102 11.13 12.28 -10.65
CA LYS A 102 11.27 13.69 -10.98
C LYS A 102 10.53 14.58 -9.98
N HIS A 103 9.26 14.24 -9.70
CA HIS A 103 8.46 15.09 -8.80
C HIS A 103 8.92 14.98 -7.35
N LEU A 104 9.40 13.81 -6.92
CA LEU A 104 10.03 13.75 -5.59
C LEU A 104 11.27 14.64 -5.54
N LYS A 105 12.11 14.62 -6.59
CA LYS A 105 13.26 15.53 -6.61
C LYS A 105 12.82 16.98 -6.50
N ALA A 106 11.72 17.35 -7.17
CA ALA A 106 11.24 18.72 -7.09
C ALA A 106 10.82 19.06 -5.67
N VAL A 107 10.13 18.14 -5.00
CA VAL A 107 9.71 18.36 -3.62
C VAL A 107 10.92 18.50 -2.71
N LEU A 108 11.90 17.61 -2.84
CA LEU A 108 13.05 17.64 -1.94
C LEU A 108 13.94 18.86 -2.19
N ALA A 109 13.95 19.40 -3.42
CA ALA A 109 14.75 20.57 -3.73
C ALA A 109 14.11 21.88 -3.24
N GLU A 110 12.78 21.97 -3.21
CA GLU A 110 12.09 23.18 -2.76
C GLU A 110 11.03 22.84 -1.72
N PRO A 111 11.44 22.33 -0.56
CA PRO A 111 10.45 21.82 0.40
C PRO A 111 9.55 22.89 0.99
N ASP A 112 10.02 24.13 1.14
CA ASP A 112 9.15 25.20 1.62
C ASP A 112 8.01 25.47 0.64
N LYS A 113 8.28 25.36 -0.67
CA LYS A 113 7.22 25.46 -1.66
C LYS A 113 6.27 24.26 -1.60
N ALA A 114 6.84 23.07 -1.45
CA ALA A 114 5.98 21.89 -1.37
C ALA A 114 5.11 21.93 -0.11
N LYS A 115 5.65 22.50 0.98
CA LYS A 115 4.94 22.54 2.25
C LYS A 115 3.63 23.31 2.16
N ALA A 116 3.52 24.27 1.24
CA ALA A 116 2.25 24.95 1.04
C ALA A 116 1.13 23.97 0.68
N CYS A 117 1.48 22.81 0.13
CA CYS A 117 0.52 21.76 -0.17
C CYS A 117 0.40 20.72 0.95
N PHE A 118 0.99 20.97 2.12
CA PHE A 118 1.00 20.00 3.21
C PHE A 118 -0.07 20.34 4.24
N ASP A 119 -0.84 19.34 4.67
CA ASP A 119 -1.96 19.50 5.60
C ASP A 119 -2.00 18.28 6.52
N PRO A 120 -2.05 18.47 7.85
CA PRO A 120 -2.12 17.30 8.74
C PRO A 120 -3.45 16.56 8.71
N GLN A 121 -4.44 17.07 7.96
CA GLN A 121 -5.77 16.44 7.86
C GLN A 121 -6.43 16.32 9.23
N LYS A 122 -6.28 17.37 10.04
CA LYS A 122 -6.94 17.42 11.35
C LYS A 122 -8.46 17.46 11.22
N ASN A 123 -9.00 18.22 10.26
CA ASN A 123 -10.44 18.32 10.06
C ASN A 123 -10.79 18.04 8.61
N TYR A 124 -10.37 16.85 8.16
CA TYR A 124 -10.50 16.43 6.78
C TYR A 124 -11.90 15.86 6.52
N LYS A 125 -12.57 16.37 5.49
CA LYS A 125 -13.98 16.09 5.31
C LYS A 125 -14.27 14.93 4.36
N ALA A 126 -13.34 14.58 3.47
CA ALA A 126 -13.65 13.64 2.38
C ALA A 126 -14.16 12.28 2.89
N PHE A 127 -13.60 11.80 4.02
CA PHE A 127 -14.00 10.52 4.62
C PHE A 127 -13.23 10.34 5.92
N PRO A 128 -13.65 9.44 6.81
CA PRO A 128 -12.95 9.30 8.10
C PRO A 128 -11.53 8.76 7.97
N LEU A 129 -10.61 9.35 8.74
CA LEU A 129 -9.26 8.84 8.91
C LEU A 129 -9.06 8.49 10.37
N TYR A 130 -8.23 7.47 10.65
CA TYR A 130 -8.12 6.92 11.99
C TYR A 130 -6.66 6.78 12.43
N THR A 131 -6.49 6.64 13.73
CA THR A 131 -5.29 6.16 14.39
C THR A 131 -5.61 4.80 15.01
N PRO A 132 -4.71 3.80 14.90
CA PRO A 132 -5.06 2.44 15.38
C PRO A 132 -5.55 2.38 16.82
N SER A 133 -4.91 3.09 17.75
CA SER A 133 -5.11 2.88 19.19
C SER A 133 -4.54 4.06 19.95
N ALA A 134 -4.92 4.17 21.22
CA ALA A 134 -4.35 5.20 22.08
C ALA A 134 -2.85 5.00 22.27
N HIS A 135 -2.39 3.74 22.28
CA HIS A 135 -0.96 3.47 22.38
C HIS A 135 -0.19 4.06 21.21
N VAL A 136 -0.70 3.88 19.99
CA VAL A 136 -0.06 4.47 18.81
C VAL A 136 -0.23 5.98 18.81
N GLN A 137 -1.40 6.47 19.24
CA GLN A 137 -1.61 7.90 19.36
C GLN A 137 -0.56 8.55 20.26
N ASN A 138 -0.09 7.83 21.28
CA ASN A 138 0.85 8.44 22.22
C ASN A 138 2.29 8.39 21.75
N LEU A 139 2.56 7.89 20.55
CA LEU A 139 3.93 7.91 20.07
C LEU A 139 4.40 9.29 19.65
N SER A 140 3.52 10.29 19.60
CA SER A 140 3.94 11.63 19.20
C SER A 140 2.93 12.66 19.65
N ALA A 141 3.42 13.83 20.07
CA ALA A 141 2.52 14.92 20.39
C ALA A 141 1.65 15.32 19.19
N THR A 142 2.20 15.19 17.98
CA THR A 142 1.42 15.50 16.77
C THR A 142 0.17 14.65 16.66
N SER A 143 0.31 13.33 16.87
CA SER A 143 -0.85 12.45 16.73
C SER A 143 -1.90 12.78 17.79
N LYS A 144 -1.47 12.93 19.04
CA LYS A 144 -2.38 13.30 20.12
C LYS A 144 -3.12 14.60 19.80
N TRP A 145 -2.41 15.60 19.25
CA TRP A 145 -3.08 16.85 18.90
C TRP A 145 -4.07 16.67 17.75
N ILE A 146 -3.71 15.86 16.75
CA ILE A 146 -4.64 15.62 15.64
C ILE A 146 -5.88 14.88 16.12
N ASN A 147 -5.69 13.89 16.99
CA ASN A 147 -6.79 13.27 17.73
C ASN A 147 -7.82 12.64 16.78
N ARG A 148 -7.34 11.72 15.93
CA ARG A 148 -8.25 10.99 15.05
C ARG A 148 -9.07 9.98 15.87
N PRO A 149 -10.20 9.51 15.32
CA PRO A 149 -10.90 8.39 15.97
C PRO A 149 -10.01 7.16 16.03
N LEU A 150 -10.22 6.35 17.07
CA LEU A 150 -9.43 5.15 17.26
C LEU A 150 -10.07 3.94 16.57
N LEU A 151 -9.24 3.16 15.89
CA LEU A 151 -9.72 1.92 15.28
C LEU A 151 -10.14 0.92 16.34
N THR A 152 -9.51 0.95 17.53
CA THR A 152 -9.96 0.05 18.59
C THR A 152 -11.43 0.31 18.95
N ASP A 153 -11.82 1.58 19.00
CA ASP A 153 -13.23 1.93 19.22
C ASP A 153 -14.10 1.53 18.04
N TYR A 154 -13.61 1.79 16.82
CA TYR A 154 -14.37 1.48 15.62
C TYR A 154 -14.67 -0.02 15.51
N TYR A 155 -13.67 -0.85 15.75
CA TYR A 155 -13.91 -2.29 15.64
C TYR A 155 -14.66 -2.86 16.83
N LYS A 156 -14.52 -2.27 18.02
CA LYS A 156 -15.32 -2.72 19.15
C LYS A 156 -16.81 -2.54 18.86
N LYS A 157 -17.17 -1.45 18.20
CA LYS A 157 -18.56 -1.21 17.83
C LYS A 157 -19.02 -2.15 16.73
N ILE A 158 -18.18 -2.40 15.72
CA ILE A 158 -18.57 -3.30 14.64
C ILE A 158 -18.83 -4.72 15.16
N GLY A 159 -17.94 -5.23 16.00
CA GLY A 159 -18.11 -6.56 16.55
C GLY A 159 -18.06 -7.66 15.48
N GLY A 160 -18.43 -8.87 15.92
CA GLY A 160 -18.42 -10.01 15.02
C GLY A 160 -16.99 -10.45 14.68
N GLU A 161 -16.91 -11.29 13.64
CA GLU A 161 -15.61 -11.76 13.18
C GLU A 161 -14.76 -10.64 12.59
N ILE A 162 -15.38 -9.67 11.91
CA ILE A 162 -14.62 -8.54 11.39
C ILE A 162 -14.07 -7.69 12.54
N GLY A 163 -14.88 -7.44 13.55
CA GLY A 163 -14.40 -6.67 14.69
C GLY A 163 -13.31 -7.39 15.46
N ALA A 164 -13.45 -8.70 15.62
CA ALA A 164 -12.44 -9.46 16.34
C ALA A 164 -11.08 -9.34 15.64
N ALA A 165 -11.08 -9.39 14.29
CA ALA A 165 -9.83 -9.25 13.56
C ALA A 165 -9.30 -7.82 13.66
N GLY A 166 -10.18 -6.83 13.53
CA GLY A 166 -9.75 -5.45 13.66
C GLY A 166 -9.13 -5.15 15.01
N LEU A 167 -9.73 -5.67 16.09
CA LEU A 167 -9.15 -5.46 17.40
C LEU A 167 -7.78 -6.13 17.51
N GLU A 168 -7.64 -7.33 16.95
CA GLU A 168 -6.36 -8.04 17.03
C GLU A 168 -5.26 -7.25 16.32
N LEU A 169 -5.57 -6.74 15.12
CA LEU A 169 -4.58 -5.98 14.37
C LEU A 169 -4.25 -4.67 15.07
N ASN A 170 -5.28 -3.91 15.47
CA ASN A 170 -5.04 -2.55 15.93
C ASN A 170 -4.60 -2.49 17.39
N GLU A 171 -4.97 -3.46 18.23
CA GLU A 171 -4.42 -3.47 19.57
C GLU A 171 -2.95 -3.88 19.58
N ASN A 172 -2.47 -4.52 18.51
CA ASN A 172 -1.09 -4.95 18.42
C ASN A 172 -0.36 -4.25 17.28
N PHE A 173 -0.85 -3.07 16.90
CA PHE A 173 -0.38 -2.41 15.69
C PHE A 173 1.12 -2.09 15.79
N LEU A 174 1.57 -1.60 16.95
CA LEU A 174 2.97 -1.23 17.09
C LEU A 174 3.87 -2.44 16.91
N GLU A 175 3.53 -3.55 17.58
CA GLU A 175 4.38 -4.73 17.48
C GLU A 175 4.41 -5.28 16.05
N ILE A 176 3.27 -5.26 15.36
CA ILE A 176 3.23 -5.78 14.01
C ILE A 176 4.06 -4.91 13.06
N THR A 177 3.88 -3.59 13.14
CA THR A 177 4.57 -2.70 12.21
C THR A 177 6.01 -2.42 12.59
N SER A 178 6.46 -2.85 13.77
CA SER A 178 7.85 -2.74 14.18
C SER A 178 8.69 -3.95 13.77
N ARG A 179 8.07 -5.05 13.37
CA ARG A 179 8.84 -6.26 13.07
C ARG A 179 9.35 -6.19 11.63
N THR A 180 10.25 -5.22 11.41
CA THR A 180 10.72 -4.84 10.10
C THR A 180 12.24 -4.83 10.05
N ASP A 181 12.79 -5.11 8.88
CA ASP A 181 14.24 -5.00 8.66
C ASP A 181 14.48 -3.98 7.56
N THR A 182 14.99 -2.82 7.94
CA THR A 182 15.12 -1.72 7.02
C THR A 182 16.56 -1.48 6.62
N THR A 183 17.49 -2.28 7.14
CA THR A 183 18.91 -2.02 7.00
C THR A 183 19.47 -2.38 5.64
N LEU A 184 18.73 -3.11 4.80
CA LEU A 184 19.36 -3.53 3.55
C LEU A 184 19.09 -2.62 2.36
N HIS A 185 17.89 -2.04 2.26
CA HIS A 185 17.56 -1.23 1.10
C HIS A 185 17.18 0.19 1.46
N TRP A 186 17.31 0.56 2.72
CA TRP A 186 17.13 1.93 3.14
C TRP A 186 18.37 2.38 3.89
N THR A 187 18.68 3.68 3.82
CA THR A 187 19.76 4.24 4.61
C THR A 187 19.28 4.90 5.90
N LYS A 188 17.96 4.95 6.10
CA LYS A 188 17.35 5.44 7.33
C LYS A 188 16.16 4.56 7.63
N ASP A 189 15.80 4.46 8.91
CA ASP A 189 14.73 3.56 9.30
C ASP A 189 13.38 4.23 9.03
N VAL A 190 12.78 3.94 7.87
CA VAL A 190 11.49 4.51 7.51
C VAL A 190 10.30 3.85 8.18
N SER A 191 10.53 2.86 9.04
CA SER A 191 9.45 2.17 9.75
C SER A 191 8.93 3.04 10.89
N ILE A 192 7.88 2.56 11.55
CA ILE A 192 7.29 3.27 12.70
C ILE A 192 8.31 3.51 13.79
N LYS A 193 9.39 2.71 13.86
CA LYS A 193 10.40 2.95 14.88
C LYS A 193 11.23 4.18 14.55
N GLY A 194 11.58 4.39 13.29
CA GLY A 194 12.39 5.53 12.91
C GLY A 194 11.62 6.81 12.68
N LEU A 195 10.36 6.71 12.25
CA LEU A 195 9.54 7.88 11.94
C LEU A 195 8.23 7.76 12.70
N PRO A 196 8.27 7.81 14.03
CA PRO A 196 7.03 7.61 14.80
C PRO A 196 6.01 8.72 14.61
N THR A 197 6.44 9.97 14.40
CA THR A 197 5.45 11.02 14.14
C THR A 197 4.71 10.76 12.83
N LEU A 198 5.43 10.37 11.77
CA LEU A 198 4.78 10.08 10.49
C LEU A 198 3.76 8.96 10.63
N TRP A 199 4.15 7.83 11.23
CA TRP A 199 3.29 6.64 11.25
C TRP A 199 2.13 6.80 12.23
N SER A 200 2.32 7.53 13.33
CA SER A 200 1.23 7.74 14.28
C SER A 200 0.27 8.82 13.82
N SER A 201 0.68 9.70 12.91
CA SER A 201 -0.12 10.86 12.54
C SER A 201 -0.79 10.75 11.18
N VAL A 202 -0.25 9.97 10.25
CA VAL A 202 -0.90 9.79 8.96
C VAL A 202 -2.27 9.13 9.19
N GLY A 203 -3.21 9.37 8.29
CA GLY A 203 -4.54 8.81 8.47
C GLY A 203 -4.67 7.36 8.02
N TRP A 204 -4.99 6.45 8.95
CA TRP A 204 -5.18 5.04 8.63
C TRP A 204 -6.63 4.75 8.26
N ILE A 205 -6.82 3.84 7.31
CA ILE A 205 -8.10 3.64 6.65
C ILE A 205 -8.45 2.16 6.67
N PRO A 206 -9.53 1.75 7.35
CA PRO A 206 -9.99 0.34 7.33
C PRO A 206 -10.74 0.04 6.03
N PHE A 207 -9.96 -0.01 4.95
CA PHE A 207 -10.49 0.12 3.60
C PHE A 207 -11.52 -0.97 3.25
N TYR A 208 -11.40 -2.17 3.82
CA TYR A 208 -12.28 -3.28 3.45
C TYR A 208 -13.27 -3.67 4.54
N ALA A 209 -13.22 -2.99 5.70
CA ALA A 209 -14.08 -3.37 6.81
C ALA A 209 -15.55 -3.44 6.41
N GLU A 210 -15.99 -2.58 5.49
CA GLU A 210 -17.38 -2.49 5.11
C GLU A 210 -17.65 -2.98 3.69
N ASN A 211 -16.67 -3.60 3.05
CA ASN A 211 -16.80 -4.11 1.69
C ASN A 211 -17.19 -5.58 1.70
N PRO A 212 -18.46 -5.92 1.43
CA PRO A 212 -18.89 -7.32 1.48
C PRO A 212 -18.27 -8.20 0.41
N ASN A 213 -17.56 -7.63 -0.55
CA ASN A 213 -16.90 -8.42 -1.57
C ASN A 213 -15.46 -8.77 -1.25
N ALA A 214 -14.90 -8.24 -0.17
CA ALA A 214 -13.46 -8.31 0.03
C ALA A 214 -13.00 -9.54 0.82
N GLY A 215 -13.47 -10.72 0.43
CA GLY A 215 -12.95 -11.94 1.00
C GLY A 215 -13.37 -12.16 2.45
N SER A 216 -12.46 -12.74 3.23
CA SER A 216 -12.83 -13.25 4.54
C SER A 216 -13.04 -12.11 5.53
N ASP A 217 -13.82 -12.42 6.57
CA ASP A 217 -14.02 -11.46 7.66
C ASP A 217 -12.69 -11.06 8.29
N ARG A 218 -11.78 -12.02 8.48
CA ARG A 218 -10.51 -11.71 9.14
C ARG A 218 -9.62 -10.83 8.26
N PHE A 219 -9.54 -11.10 6.96
CA PHE A 219 -8.85 -10.16 6.09
C PHE A 219 -9.47 -8.77 6.17
N ARG A 220 -10.80 -8.69 6.23
CA ARG A 220 -11.48 -7.38 6.20
C ARG A 220 -11.16 -6.57 7.44
N GLY A 221 -11.26 -7.17 8.63
CA GLY A 221 -10.88 -6.47 9.82
C GLY A 221 -9.37 -6.32 9.96
N GLY A 222 -8.61 -7.18 9.31
CA GLY A 222 -7.16 -7.16 9.43
C GLY A 222 -6.42 -6.38 8.34
N TYR A 223 -7.08 -5.47 7.63
CA TYR A 223 -6.37 -4.70 6.62
C TYR A 223 -6.45 -3.21 6.91
N LEU A 224 -5.35 -2.52 6.64
CA LEU A 224 -5.23 -1.07 6.79
C LEU A 224 -4.25 -0.56 5.75
N TYR A 225 -4.45 0.68 5.31
CA TYR A 225 -3.42 1.41 4.60
C TYR A 225 -3.52 2.88 4.99
N ALA A 226 -2.48 3.63 4.66
CA ALA A 226 -2.46 5.06 4.92
C ALA A 226 -1.66 5.73 3.80
N GLU A 227 -1.95 7.01 3.59
CA GLU A 227 -1.39 7.75 2.45
C GLU A 227 -0.68 8.99 2.95
N VAL A 228 0.63 9.06 2.72
CA VAL A 228 1.42 10.23 3.08
C VAL A 228 1.30 11.31 2.02
N GLY A 230 -0.21 12.28 -1.98
CA GLY A 230 -1.10 11.95 -3.07
C GLY A 230 -2.42 12.71 -2.95
N PRO A 231 -3.37 12.41 -3.83
CA PRO A 231 -4.63 13.17 -3.84
C PRO A 231 -5.43 13.09 -2.55
N TRP A 232 -5.12 12.13 -1.67
CA TRP A 232 -5.83 12.02 -0.40
C TRP A 232 -4.87 11.96 0.79
N GLY A 233 -3.61 12.36 0.59
CA GLY A 233 -2.63 12.28 1.65
C GLY A 233 -2.53 13.55 2.49
N ASN A 234 -1.42 13.63 3.22
CA ASN A 234 -1.11 14.88 3.91
C ASN A 234 -0.48 15.89 2.97
N LEU A 235 0.34 15.42 2.03
CA LEU A 235 0.93 16.26 0.99
C LEU A 235 0.12 16.07 -0.30
N ARG A 236 -0.59 17.12 -0.72
CA ARG A 236 -1.57 17.03 -1.81
C ARG A 236 -1.23 18.04 -2.91
N ILE A 237 -0.33 17.65 -3.81
CA ILE A 237 0.13 18.50 -4.91
C ILE A 237 -0.61 18.08 -6.17
N LYS A 238 -1.28 19.03 -6.81
CA LYS A 238 -1.95 18.70 -8.07
C LYS A 238 -0.95 18.67 -9.22
N GLU A 239 -0.17 19.73 -9.36
CA GLU A 239 0.77 19.87 -10.47
C GLU A 239 2.08 20.46 -9.99
N ILE A 240 3.17 20.01 -10.60
CA ILE A 240 4.46 20.68 -10.50
C ILE A 240 4.87 21.12 -11.90
N ASP A 241 5.08 22.42 -12.08
CA ASP A 241 5.47 22.98 -13.37
C ASP A 241 4.52 22.52 -14.47
N GLY A 242 3.22 22.50 -14.16
CA GLY A 242 2.21 22.10 -15.11
C GLY A 242 2.06 20.62 -15.33
N GLU A 243 2.96 19.78 -14.82
CA GLU A 243 2.81 18.34 -14.95
C GLU A 243 1.91 17.79 -13.84
N LYS A 244 0.95 16.98 -14.24
CA LYS A 244 0.06 16.33 -13.29
C LYS A 244 0.85 15.34 -12.41
N VAL A 245 0.79 15.52 -11.10
CA VAL A 245 1.57 14.67 -10.19
C VAL A 245 0.86 13.33 -10.06
N GLY A 246 1.57 12.26 -10.42
CA GLY A 246 0.98 10.93 -10.39
C GLY A 246 1.23 10.20 -9.10
N ALA A 247 2.23 10.67 -8.35
CA ALA A 247 2.72 9.90 -7.20
C ALA A 247 1.69 9.83 -6.08
N GLU A 248 1.52 8.64 -5.53
CA GLU A 248 0.69 8.42 -4.35
C GLU A 248 1.46 7.46 -3.47
N ILE A 249 1.87 7.90 -2.28
CA ILE A 249 2.87 7.18 -1.49
C ILE A 249 2.41 7.05 -0.05
N GLY A 250 2.45 5.82 0.47
CA GLY A 250 2.06 5.58 1.84
C GLY A 250 2.51 4.23 2.34
N THR A 252 1.02 0.06 4.04
CA THR A 252 -0.04 -0.89 4.28
C THR A 252 0.34 -1.86 5.39
N ALA A 253 -0.68 -2.40 6.05
CA ALA A 253 -0.49 -3.40 7.10
C ALA A 253 -1.58 -4.44 6.91
N GLN A 254 -1.18 -5.70 6.79
CA GLN A 254 -2.12 -6.80 6.65
C GLN A 254 -1.82 -7.85 7.71
N LEU A 255 -2.85 -8.23 8.46
CA LEU A 255 -2.69 -9.14 9.59
C LEU A 255 -2.39 -10.55 9.07
N PHE A 256 -1.56 -11.27 9.83
CA PHE A 256 -1.18 -12.63 9.48
C PHE A 256 -2.40 -13.55 9.49
N ASN A 257 -2.28 -14.70 8.81
CA ASN A 257 -3.36 -15.68 8.68
C ASN A 257 -4.58 -15.10 7.98
N THR A 258 -4.34 -14.23 7.01
CA THR A 258 -5.37 -13.75 6.11
C THR A 258 -4.93 -13.96 4.65
N SER A 259 -5.89 -13.83 3.74
CA SER A 259 -5.62 -13.85 2.31
C SER A 259 -6.31 -12.65 1.66
N TYR A 260 -5.52 -11.78 1.05
CA TYR A 260 -6.05 -10.67 0.28
C TYR A 260 -6.49 -11.20 -1.08
N PRO A 261 -7.78 -11.14 -1.42
CA PRO A 261 -8.25 -11.82 -2.64
C PRO A 261 -7.69 -11.18 -3.89
N TYR A 262 -7.63 -11.99 -4.94
CA TYR A 262 -7.24 -11.55 -6.28
C TYR A 262 -7.86 -10.21 -6.64
N HIS A 263 -7.02 -9.26 -7.05
CA HIS A 263 -7.52 -7.93 -7.36
C HIS A 263 -6.62 -7.26 -8.39
N TYR A 264 -7.12 -6.16 -8.94
CA TYR A 264 -6.50 -5.48 -10.08
C TYR A 264 -7.05 -4.06 -10.14
N HIS A 265 -6.36 -3.19 -10.91
CA HIS A 265 -6.80 -1.81 -11.11
C HIS A 265 -5.98 -1.15 -12.22
N HIS A 266 -6.51 -0.06 -12.76
CA HIS A 266 -5.78 0.71 -13.76
C HIS A 266 -4.42 1.21 -13.28
N PRO A 267 -4.29 1.88 -12.13
CA PRO A 267 -3.00 2.51 -11.80
C PRO A 267 -1.90 1.49 -11.54
N GLN A 268 -0.72 1.78 -12.07
CA GLN A 268 0.48 1.01 -11.72
C GLN A 268 0.80 1.18 -10.24
N GLU A 269 1.47 0.17 -9.68
CA GLU A 269 1.64 0.10 -8.24
C GLU A 269 3.02 -0.44 -7.88
N ILE A 270 3.54 0.01 -6.75
CA ILE A 270 4.84 -0.40 -6.24
C ILE A 270 4.69 -0.81 -4.78
N TYR A 271 5.28 -1.94 -4.41
CA TYR A 271 5.31 -2.42 -3.04
C TYR A 271 6.75 -2.67 -2.61
N THR A 273 8.60 -4.34 0.64
CA THR A 273 8.34 -5.15 1.83
C THR A 273 9.22 -4.70 2.99
N LEU A 274 8.60 -4.33 4.11
CA LEU A 274 9.31 -4.00 5.33
C LEU A 274 9.41 -5.17 6.30
N THR A 275 8.38 -6.00 6.37
CA THR A 275 8.33 -7.07 7.36
C THR A 275 9.52 -8.01 7.23
N LYS A 276 10.17 -8.31 8.35
CA LYS A 276 11.11 -9.42 8.37
C LYS A 276 10.34 -10.70 8.67
N PRO A 277 10.29 -11.66 7.75
CA PRO A 277 9.46 -12.85 7.98
C PRO A 277 10.06 -13.79 9.03
N GLN A 278 9.17 -14.58 9.66
CA GLN A 278 9.61 -15.57 10.63
C GLN A 278 9.74 -16.96 10.04
N CYS A 279 9.18 -17.18 8.86
CA CYS A 279 9.52 -18.30 8.00
C CYS A 279 9.57 -17.77 6.58
N ILE A 280 10.22 -18.51 5.68
CA ILE A 280 10.42 -17.97 4.34
C ILE A 280 9.09 -17.70 3.65
N ASP A 281 8.06 -18.50 3.94
CA ASP A 281 6.79 -18.37 3.23
C ASP A 281 5.70 -17.73 4.09
N GLN A 282 6.07 -16.92 5.08
CA GLN A 282 5.06 -16.25 5.89
C GLN A 282 4.24 -15.29 5.05
N ASN A 283 4.90 -14.56 4.16
CA ASN A 283 4.27 -13.52 3.35
C ASN A 283 4.50 -13.85 1.87
N LYS A 284 3.47 -14.32 1.21
CA LYS A 284 3.52 -14.62 -0.22
C LYS A 284 2.74 -13.58 -1.01
N HIS A 285 3.21 -13.24 -2.21
CA HIS A 285 2.42 -12.40 -3.09
C HIS A 285 2.43 -12.98 -4.50
N VAL A 287 1.99 -11.47 -8.57
CA VAL A 287 1.69 -10.45 -9.56
C VAL A 287 1.79 -11.08 -10.94
N HIS A 289 0.69 -10.42 -15.14
CA HIS A 289 0.09 -9.58 -16.16
C HIS A 289 -1.24 -10.20 -16.62
N TRP A 290 -2.19 -9.32 -16.98
CA TRP A 290 -3.55 -9.77 -17.21
C TRP A 290 -3.65 -10.80 -18.33
N ASP A 291 -2.73 -10.74 -19.30
CA ASP A 291 -2.79 -11.64 -20.44
C ASP A 291 -1.81 -12.81 -20.30
N ASN A 292 -1.28 -13.02 -19.09
CA ASN A 292 -0.45 -14.18 -18.81
C ASN A 292 -1.19 -15.46 -19.23
N ASN A 293 -0.46 -16.39 -19.84
CA ASN A 293 -1.10 -17.58 -20.39
C ASN A 293 -1.45 -18.63 -19.32
N GLN A 294 -1.08 -18.41 -18.05
CA GLN A 294 -1.64 -19.22 -16.98
C GLN A 294 -3.13 -18.99 -16.76
N PHE A 295 -3.67 -17.85 -17.21
CA PHE A 295 -5.10 -17.57 -17.09
C PHE A 295 -5.81 -17.80 -18.42
N LYS A 296 -7.14 -17.77 -18.36
CA LYS A 296 -8.02 -17.81 -19.52
C LYS A 296 -8.66 -16.43 -19.67
N GLN A 297 -8.48 -15.79 -20.82
CA GLN A 297 -9.04 -14.48 -21.11
C GLN A 297 -10.04 -14.55 -22.25
N LYS A 298 -11.19 -13.90 -22.08
CA LYS A 298 -12.15 -13.67 -23.15
C LYS A 298 -12.41 -12.18 -23.24
N ARG A 299 -12.26 -11.61 -24.44
CA ARG A 299 -12.66 -10.23 -24.65
C ARG A 299 -14.09 -10.00 -24.16
N SER A 300 -14.28 -8.89 -23.45
CA SER A 300 -15.61 -8.42 -23.10
C SER A 300 -15.82 -7.06 -23.78
N ASP A 301 -16.86 -6.35 -23.39
CA ASP A 301 -17.10 -5.02 -23.96
C ASP A 301 -16.07 -4.02 -23.42
N ASN A 302 -15.12 -3.61 -24.27
CA ASN A 302 -14.01 -2.72 -23.87
C ASN A 302 -13.33 -3.22 -22.59
N GLY A 303 -13.04 -4.51 -22.56
CA GLY A 303 -12.47 -5.12 -21.38
C GLY A 303 -12.15 -6.58 -21.62
N TRP A 304 -11.80 -7.27 -20.55
CA TRP A 304 -11.42 -8.66 -20.61
C TRP A 304 -12.00 -9.39 -19.39
N THR A 305 -12.54 -10.58 -19.65
CA THR A 305 -12.96 -11.49 -18.59
C THR A 305 -11.81 -12.47 -18.36
N VAL A 306 -11.25 -12.47 -17.16
CA VAL A 306 -10.08 -13.27 -16.85
C VAL A 306 -10.49 -14.29 -15.82
N ASN A 307 -10.39 -15.56 -16.19
CA ASN A 307 -10.72 -16.66 -15.29
C ASN A 307 -9.41 -17.21 -14.73
N ILE A 308 -9.34 -17.28 -13.40
CA ILE A 308 -8.18 -17.78 -12.70
C ILE A 308 -8.53 -19.11 -12.06
N ASP A 309 -7.72 -20.13 -12.34
CA ASP A 309 -7.91 -21.47 -11.80
C ASP A 309 -6.59 -21.94 -11.17
N GLY A 310 -6.41 -21.65 -9.88
CA GLY A 310 -5.25 -22.14 -9.19
C GLY A 310 -5.55 -23.32 -8.28
N SER A 311 -6.64 -24.02 -8.56
CA SER A 311 -7.08 -25.12 -7.72
C SER A 311 -6.14 -26.30 -7.84
N LYS A 312 -6.24 -27.22 -6.86
CA LYS A 312 -5.50 -28.48 -6.86
C LYS A 312 -3.99 -28.25 -6.91
N GLY A 313 -3.51 -27.24 -6.17
CA GLY A 313 -2.09 -26.96 -6.09
C GLY A 313 -1.53 -26.07 -7.18
N LYS A 314 -2.32 -25.74 -8.21
CA LYS A 314 -1.80 -25.00 -9.35
C LYS A 314 -1.41 -23.57 -9.03
N TRP A 315 -1.97 -22.99 -7.96
CA TRP A 315 -1.67 -21.61 -7.58
C TRP A 315 -0.24 -21.45 -7.06
N LYS A 316 0.38 -22.52 -6.57
CA LYS A 316 1.65 -22.39 -5.85
C LYS A 316 2.77 -21.89 -6.76
N LYS A 317 2.84 -22.39 -8.00
CA LYS A 317 3.76 -21.83 -9.01
C LYS A 317 3.70 -20.32 -9.05
N TRP A 318 2.51 -19.75 -8.83
CA TRP A 318 2.25 -18.34 -9.12
C TRP A 318 2.69 -17.41 -8.02
N PHE A 319 2.91 -17.92 -6.81
CA PHE A 319 3.19 -17.09 -5.66
C PHE A 319 4.64 -17.20 -5.24
N SER A 320 5.21 -16.05 -4.89
CA SER A 320 6.60 -15.92 -4.51
C SER A 320 6.67 -15.38 -3.08
N ASN A 321 7.72 -15.73 -2.36
CA ASN A 321 7.89 -15.26 -0.98
C ASN A 321 8.44 -13.83 -0.95
N GLN A 322 7.95 -13.03 -0.01
CA GLN A 322 8.37 -11.64 0.16
C GLN A 322 9.25 -11.51 1.38
N ASP A 323 10.31 -10.70 1.27
CA ASP A 323 11.24 -10.46 2.36
C ASP A 323 11.96 -9.15 2.09
N PRO A 324 12.52 -8.49 3.11
CA PRO A 324 13.11 -7.16 2.89
C PRO A 324 14.54 -7.16 2.36
N GLU A 325 15.10 -8.32 1.97
CA GLU A 325 16.44 -8.39 1.38
C GLU A 325 16.37 -8.74 -0.11
N GLN A 326 15.98 -9.97 -0.45
CA GLN A 326 16.02 -10.43 -1.83
C GLN A 326 14.76 -10.02 -2.61
N ASN A 327 13.60 -10.51 -2.17
CA ASN A 327 12.34 -10.24 -2.87
C ASN A 327 11.57 -9.17 -2.11
N TRP A 328 12.10 -7.94 -2.20
CA TRP A 328 11.60 -6.79 -1.45
C TRP A 328 10.79 -5.82 -2.29
N LEU A 329 10.89 -5.86 -3.62
CA LEU A 329 10.33 -4.82 -4.47
C LEU A 329 9.58 -5.44 -5.64
N THR A 330 8.36 -4.98 -5.86
CA THR A 330 7.55 -5.41 -7.00
C THR A 330 6.86 -4.22 -7.62
N TYR A 331 6.64 -4.31 -8.94
CA TYR A 331 6.01 -3.28 -9.73
C TYR A 331 4.86 -3.92 -10.52
N PHE A 332 3.68 -3.34 -10.42
CA PHE A 332 2.46 -3.89 -11.01
C PHE A 332 2.09 -3.04 -12.22
N GLU A 333 2.23 -3.60 -13.41
CA GLU A 333 1.74 -2.92 -14.60
C GLU A 333 0.22 -2.80 -14.53
N ARG A 334 -0.32 -1.96 -15.41
CA ARG A 334 -1.74 -1.65 -15.39
C ARG A 334 -2.55 -2.95 -15.48
N ASN A 335 -3.58 -3.05 -14.63
CA ASN A 335 -4.51 -4.18 -14.60
C ASN A 335 -3.81 -5.50 -14.28
N ALA A 336 -2.58 -5.49 -13.78
CA ALA A 336 -1.96 -6.75 -13.42
C ALA A 336 -2.71 -7.34 -12.24
N ILE A 337 -2.97 -8.64 -12.30
CA ILE A 337 -3.71 -9.31 -11.23
C ILE A 337 -2.74 -9.67 -10.12
N HIS A 338 -3.12 -9.37 -8.88
CA HIS A 338 -2.23 -9.64 -7.75
C HIS A 338 -3.01 -10.07 -6.51
N ALA A 339 -2.25 -10.63 -5.56
CA ALA A 339 -2.80 -11.16 -4.32
C ALA A 339 -1.71 -11.20 -3.26
N PHE A 340 -2.12 -11.12 -2.00
CA PHE A 340 -1.20 -11.15 -0.87
C PHE A 340 -1.71 -12.18 0.12
N HIS A 341 -0.90 -13.18 0.37
CA HIS A 341 -1.37 -14.43 0.97
C HIS A 341 -0.54 -14.73 2.20
N THR A 342 -1.18 -14.74 3.36
CA THR A 342 -0.48 -15.01 4.62
C THR A 342 -1.13 -16.16 5.37
N LEU A 343 -1.49 -17.25 4.67
CA LEU A 343 -2.07 -18.42 5.31
C LEU A 343 -1.10 -19.57 5.50
N GLU A 344 0.02 -19.59 4.76
CA GLU A 344 0.88 -20.75 4.70
C GLU A 344 1.87 -20.79 5.86
N GLY A 345 2.34 -22.01 6.17
CA GLY A 345 3.55 -22.15 6.96
C GLY A 345 3.41 -21.66 8.38
N CYS A 346 4.39 -20.84 8.81
CA CYS A 346 4.38 -20.35 10.19
C CYS A 346 3.28 -19.34 10.46
N ASN A 347 2.43 -19.01 9.49
CA ASN A 347 1.21 -18.28 9.83
C ASN A 347 0.29 -19.10 10.75
N GLN A 348 0.44 -20.43 10.77
CA GLN A 348 -0.31 -21.30 11.67
C GLN A 348 0.40 -21.46 13.00
N THR A 349 1.36 -20.61 13.30
CA THR A 349 2.19 -20.83 14.47
C THR A 349 2.59 -19.53 15.17
N ILE A 350 2.65 -18.39 14.47
CA ILE A 350 3.08 -17.12 15.05
C ILE A 350 1.89 -16.40 15.69
N LYS A 351 2.14 -15.22 16.22
CA LYS A 351 1.11 -14.31 16.72
C LYS A 351 1.59 -12.87 16.53
N ASN A 352 0.67 -11.92 16.58
CA ASN A 352 1.00 -10.49 16.52
C ASN A 352 1.98 -10.17 15.38
N SER A 353 1.67 -10.68 14.19
CA SER A 353 2.52 -10.55 13.02
C SER A 353 1.67 -10.19 11.81
N GLY A 354 2.34 -9.98 10.69
CA GLY A 354 1.62 -9.64 9.47
C GLY A 354 2.59 -9.22 8.39
N LEU A 355 2.05 -8.52 7.39
CA LEU A 355 2.79 -8.02 6.25
C LEU A 355 2.65 -6.50 6.20
N VAL A 356 3.76 -5.80 6.35
CA VAL A 356 3.83 -4.34 6.39
C VAL A 356 4.74 -3.88 5.26
N THR A 357 4.30 -2.89 4.49
CA THR A 357 5.01 -2.47 3.29
C THR A 357 4.93 -0.95 3.12
N VAL A 358 5.91 -0.41 2.38
CA VAL A 358 5.78 0.91 1.77
C VAL A 358 5.00 0.72 0.48
N TRP A 359 3.96 1.51 0.30
CA TRP A 359 3.06 1.33 -0.82
C TRP A 359 3.02 2.60 -1.65
N ALA A 360 2.88 2.43 -2.96
CA ALA A 360 2.81 3.58 -3.84
C ALA A 360 2.08 3.23 -5.11
N ARG A 361 1.46 4.25 -5.70
CA ARG A 361 0.96 4.21 -7.06
C ARG A 361 1.58 5.35 -7.85
N THR A 362 1.74 5.16 -9.17
CA THR A 362 2.44 6.14 -9.99
C THR A 362 1.53 7.02 -10.84
N THR A 363 0.26 6.68 -11.04
CA THR A 363 -0.61 7.44 -11.94
C THR A 363 -1.97 7.68 -11.29
N ALA A 364 -1.94 8.31 -10.11
CA ALA A 364 -3.15 8.46 -9.30
C ALA A 364 -4.16 9.48 -9.84
N GLN A 365 -3.87 10.22 -10.91
CA GLN A 365 -4.75 11.27 -11.39
C GLN A 365 -5.12 11.06 -12.86
N ASP A 366 -5.13 9.80 -13.32
CA ASP A 366 -5.70 9.47 -14.61
C ASP A 366 -6.31 8.08 -14.52
N ASN A 367 -7.27 7.82 -15.42
CA ASN A 367 -8.02 6.56 -15.47
C ASN A 367 -8.78 6.28 -14.18
N ASN A 368 -9.28 5.06 -14.03
CA ASN A 368 -10.12 4.69 -12.90
C ASN A 368 -9.22 4.22 -11.75
N GLN A 369 -9.23 4.96 -10.64
CA GLN A 369 -8.43 4.62 -9.47
C GLN A 369 -9.00 3.46 -8.66
N THR A 370 -10.19 2.94 -9.01
CA THR A 370 -10.85 1.97 -8.14
C THR A 370 -10.06 0.66 -8.06
N THR A 371 -9.81 0.20 -6.84
CA THR A 371 -9.31 -1.15 -6.62
C THR A 371 -10.43 -2.16 -6.84
N GLN A 372 -10.32 -2.96 -7.90
CA GLN A 372 -11.34 -3.94 -8.24
C GLN A 372 -11.01 -5.28 -7.59
N LEU A 373 -12.03 -5.93 -7.02
CA LEU A 373 -11.89 -7.27 -6.48
C LEU A 373 -12.42 -8.28 -7.49
N CYS A 374 -11.67 -9.36 -7.68
CA CYS A 374 -12.20 -10.49 -8.42
C CYS A 374 -13.31 -11.17 -7.60
N ARG A 375 -14.07 -12.04 -8.25
CA ARG A 375 -15.18 -12.69 -7.56
C ARG A 375 -15.08 -14.20 -7.72
N PRO A 376 -15.64 -14.95 -6.77
CA PRO A 376 -15.59 -16.41 -6.89
C PRO A 376 -16.44 -16.92 -8.05
N THR A 378 -18.01 -19.66 -8.22
CA THR A 378 -19.20 -20.32 -7.69
C THR A 378 -20.19 -19.34 -7.05
N GLY A 379 -19.96 -18.04 -7.17
CA GLY A 379 -20.93 -17.05 -6.73
C GLY A 379 -20.61 -16.50 -5.36
N ALA A 380 -21.48 -15.57 -4.93
CA ALA A 380 -21.26 -14.81 -3.70
C ALA A 380 -21.15 -15.71 -2.48
N LYS A 381 -21.75 -16.90 -2.51
CA LYS A 381 -21.72 -17.78 -1.34
C LYS A 381 -20.31 -18.14 -0.90
N ASP A 382 -19.30 -17.94 -1.76
CA ASP A 382 -17.95 -18.35 -1.44
C ASP A 382 -16.99 -17.18 -1.28
N ILE A 383 -17.49 -15.94 -1.22
CA ILE A 383 -16.62 -14.78 -1.02
C ILE A 383 -15.80 -14.93 0.26
N LYS A 384 -16.43 -15.41 1.33
CA LYS A 384 -15.77 -15.35 2.62
C LYS A 384 -14.62 -16.36 2.76
N THR A 385 -14.45 -17.27 1.80
CA THR A 385 -13.35 -18.24 1.83
C THR A 385 -12.38 -18.06 0.68
N LYS A 387 -9.28 -17.51 -1.55
CA LYS A 387 -7.88 -17.78 -1.30
C LYS A 387 -7.29 -18.24 -2.64
N PRO A 388 -5.98 -18.36 -2.79
CA PRO A 388 -5.42 -18.57 -4.14
C PRO A 388 -5.92 -19.83 -4.85
N GLU A 389 -6.37 -20.84 -4.12
CA GLU A 389 -6.80 -22.10 -4.71
C GLU A 389 -8.24 -22.07 -5.22
N ASP A 390 -9.02 -21.05 -4.89
CA ASP A 390 -10.42 -21.00 -5.32
C ASP A 390 -10.52 -20.29 -6.67
N LYS A 391 -11.25 -20.91 -7.61
CA LYS A 391 -11.45 -20.32 -8.92
C LYS A 391 -12.12 -18.96 -8.82
N ALA A 392 -11.71 -18.04 -9.69
CA ALA A 392 -12.18 -16.67 -9.57
C ALA A 392 -12.32 -16.05 -10.96
N ILE A 393 -13.10 -14.99 -11.03
CA ILE A 393 -13.38 -14.25 -12.25
C ILE A 393 -13.04 -12.78 -12.00
N CYS A 394 -12.27 -12.19 -12.90
CA CYS A 394 -11.86 -10.78 -12.81
C CYS A 394 -12.36 -10.06 -14.04
N ASP A 395 -13.16 -9.01 -13.82
CA ASP A 395 -13.80 -8.24 -14.89
C ASP A 395 -13.02 -6.96 -15.12
N LEU A 396 -12.00 -7.04 -15.98
CA LEU A 396 -11.12 -5.91 -16.24
C LEU A 396 -11.72 -4.97 -17.28
N ASP A 397 -11.40 -3.69 -17.15
CA ASP A 397 -11.81 -2.65 -18.08
C ASP A 397 -10.58 -2.06 -18.77
N ASP A 398 -10.72 -1.76 -20.06
CA ASP A 398 -9.69 -1.03 -20.79
C ASP A 398 -9.42 0.32 -20.15
N TRP A 399 -8.19 0.81 -20.32
CA TRP A 399 -7.75 2.11 -19.84
C TRP A 399 -7.36 2.97 -21.03
N LYS A 400 -7.20 4.26 -20.77
CA LYS A 400 -6.87 5.18 -21.85
C LYS A 400 -5.35 5.23 -22.04
N PRO A 401 -4.85 5.10 -23.28
CA PRO A 401 -3.48 5.29 -23.79
C PRO A 401 -2.81 6.61 -23.36
#